data_6CMJ
#
_entry.id   6CMJ
#
_cell.length_a   89.841
_cell.length_b   89.841
_cell.length_c   181.385
_cell.angle_alpha   90.000
_cell.angle_beta   90.000
_cell.angle_gamma   120.000
#
_symmetry.space_group_name_H-M   'P 31 2 1'
#
loop_
_entity.id
_entity.type
_entity.pdbx_description
1 polymer 'Calcium/calmodulin-dependent protein kinase kinase 2'
2 non-polymer '2-(2-methylpropyl)-4-(5-phenyl-1H-pyrrolo[2,3-b]pyridin-3-yl)benzoic acid'
3 non-polymer 'FORMIC ACID'
4 non-polymer 1,2-ETHANEDIOL
5 water water
#
_entity_poly.entity_id   1
_entity_poly.type   'polypeptide(L)'
_entity_poly.pdbx_seq_one_letter_code
;MNAHHHHHHGSAENLYFQGHHVSITGMQDCVQLDQYTLKDEIGKGSYGVVKLAYNENDNTYYAMKVLSKKKLIRQAGGCI
QPRGPIEQVYQEIAILKKLDHPNVVKLVEVLDDPNEDHLYMVFELVNQGPVMEVPTLKPLSEDQARFYFQDLIKGIEYLH
YQKIIHRDIKPSNLLVGEDGHIKIADFGVSNEFKGSDALL(SEP)NTVGTPAFMAPESLSETRKIFSGKALDVWAMGVTL
YCFVFGQCPFMDERIMCLH(SEP)KIKSQALEFPDQPDIAEDLKDLITRMLDKNPESRIVVPEIKLHPWVTRHGAEPLPS
EDENC(TPO)LVE
;
_entity_poly.pdbx_strand_id   A,B
#
loop_
_chem_comp.id
_chem_comp.type
_chem_comp.name
_chem_comp.formula
EDO non-polymer 1,2-ETHANEDIOL 'C2 H6 O2'
F6J non-polymer '2-(2-methylpropyl)-4-(5-phenyl-1H-pyrrolo[2,3-b]pyridin-3-yl)benzoic acid' 'C24 H22 N2 O2'
FMT non-polymer 'FORMIC ACID' 'C H2 O2'
#
# COMPACT_ATOMS: atom_id res chain seq x y z
N GLN A 32 -45.90 -11.06 -7.67
CA GLN A 32 -46.17 -11.47 -6.26
C GLN A 32 -46.13 -10.29 -5.27
N LEU A 33 -45.00 -9.57 -5.23
CA LEU A 33 -44.86 -8.39 -4.36
C LEU A 33 -44.49 -7.18 -5.21
N ASP A 34 -45.42 -6.25 -5.39
CA ASP A 34 -45.20 -5.09 -6.27
C ASP A 34 -44.78 -5.60 -7.66
N GLN A 35 -43.65 -5.11 -8.16
CA GLN A 35 -43.02 -5.58 -9.39
C GLN A 35 -42.15 -6.85 -9.24
N TYR A 36 -42.01 -7.38 -8.01
CA TYR A 36 -41.13 -8.52 -7.74
C TYR A 36 -41.86 -9.84 -7.71
N THR A 37 -41.29 -10.84 -8.38
CA THR A 37 -41.74 -12.22 -8.29
C THR A 37 -40.84 -12.90 -7.27
N LEU A 38 -41.43 -13.38 -6.17
CA LEU A 38 -40.61 -14.06 -5.16
C LEU A 38 -40.33 -15.49 -5.54
N LYS A 39 -39.08 -15.91 -5.29
CA LYS A 39 -38.64 -17.26 -5.61
C LYS A 39 -38.11 -17.95 -4.36
N ASP A 40 -37.21 -18.91 -4.51
CA ASP A 40 -36.71 -19.73 -3.41
C ASP A 40 -35.88 -18.97 -2.39
N GLU A 41 -35.87 -19.52 -1.18
CA GLU A 41 -35.00 -19.06 -0.11
C GLU A 41 -33.61 -19.50 -0.47
N ILE A 42 -32.64 -18.60 -0.40
CA ILE A 42 -31.27 -18.93 -0.78
C ILE A 42 -30.23 -18.86 0.33
N GLY A 43 -30.55 -18.17 1.42
CA GLY A 43 -29.68 -18.10 2.58
C GLY A 43 -30.40 -17.58 3.83
N LYS A 44 -29.70 -17.70 4.96
CA LYS A 44 -30.20 -17.26 6.26
C LYS A 44 -29.03 -16.65 6.96
N GLY A 45 -29.10 -15.35 7.28
CA GLY A 45 -28.09 -14.71 8.10
C GLY A 45 -28.41 -14.75 9.58
N SER A 46 -27.88 -13.80 10.33
CA SER A 46 -28.24 -13.60 11.74
C SER A 46 -29.74 -13.44 11.94
N TYR A 47 -30.40 -12.69 11.05
CA TYR A 47 -31.84 -12.43 11.17
C TYR A 47 -32.52 -12.68 9.84
N GLY A 48 -33.73 -13.21 9.91
CA GLY A 48 -34.59 -13.34 8.75
C GLY A 48 -34.14 -14.40 7.77
N VAL A 49 -34.71 -14.30 6.57
CA VAL A 49 -34.40 -15.21 5.47
C VAL A 49 -34.07 -14.37 4.24
N VAL A 50 -33.08 -14.81 3.48
CA VAL A 50 -32.81 -14.18 2.19
C VAL A 50 -33.43 -15.05 1.10
N LYS A 51 -34.20 -14.42 0.23
CA LYS A 51 -34.74 -15.11 -0.91
C LYS A 51 -34.47 -14.46 -2.21
N LEU A 52 -34.45 -15.27 -3.25
CA LEU A 52 -34.28 -14.79 -4.62
C LEU A 52 -35.56 -14.17 -5.12
N ALA A 53 -35.44 -13.02 -5.77
CA ALA A 53 -36.59 -12.33 -6.35
C ALA A 53 -36.25 -11.81 -7.73
N TYR A 54 -37.26 -11.75 -8.60
CA TYR A 54 -37.10 -11.28 -9.96
C TYR A 54 -37.98 -10.07 -10.19
N ASN A 55 -37.35 -8.97 -10.59
CA ASN A 55 -38.06 -7.74 -10.88
C ASN A 55 -38.49 -7.75 -12.36
N GLU A 56 -39.80 -7.79 -12.58
CA GLU A 56 -40.37 -7.86 -13.93
C GLU A 56 -40.19 -6.55 -14.73
N ASN A 57 -40.00 -5.40 -14.07
CA ASN A 57 -39.81 -4.12 -14.74
C ASN A 57 -38.43 -3.92 -15.33
N ASP A 58 -37.38 -4.27 -14.61
CA ASP A 58 -35.99 -4.09 -15.11
C ASP A 58 -35.27 -5.40 -15.45
N ASN A 59 -36.02 -6.51 -15.38
CA ASN A 59 -35.49 -7.82 -15.75
C ASN A 59 -34.24 -8.21 -14.98
N THR A 60 -34.22 -7.86 -13.70
CA THR A 60 -33.05 -8.08 -12.86
C THR A 60 -33.44 -8.95 -11.68
N TYR A 61 -32.53 -9.84 -11.32
CA TYR A 61 -32.69 -10.64 -10.12
C TYR A 61 -32.14 -9.85 -8.94
N TYR A 62 -32.83 -9.96 -7.82
CA TYR A 62 -32.40 -9.33 -6.57
C TYR A 62 -32.43 -10.36 -5.43
N ALA A 63 -31.67 -10.08 -4.39
CA ALA A 63 -31.76 -10.83 -3.14
C ALA A 63 -32.61 -10.02 -2.17
N MET A 64 -33.59 -10.67 -1.57
CA MET A 64 -34.53 -10.00 -0.68
C MET A 64 -34.46 -10.58 0.72
N LYS A 65 -34.05 -9.76 1.68
CA LYS A 65 -34.06 -10.15 3.10
C LYS A 65 -35.46 -9.88 3.64
N VAL A 66 -36.14 -10.93 4.11
CA VAL A 66 -37.49 -10.84 4.64
C VAL A 66 -37.45 -10.98 6.16
N LEU A 67 -37.99 -9.96 6.85
CA LEU A 67 -38.09 -9.95 8.30
C LEU A 67 -39.55 -9.93 8.73
N SER A 68 -39.88 -10.76 9.71
CA SER A 68 -41.20 -10.69 10.34
C SER A 68 -41.12 -9.84 11.60
N LYS A 69 -41.88 -8.75 11.63
CA LYS A 69 -41.90 -7.86 12.79
C LYS A 69 -42.42 -8.54 14.06
N LYS A 70 -43.48 -9.29 13.94
CA LYS A 70 -44.05 -9.99 15.09
C LYS A 70 -43.09 -11.03 15.61
N LYS A 71 -42.38 -11.70 14.72
CA LYS A 71 -41.39 -12.68 15.11
C LYS A 71 -40.29 -12.02 15.91
N LEU A 72 -39.82 -10.88 15.44
CA LEU A 72 -38.74 -10.18 16.14
C LEU A 72 -39.19 -9.78 17.54
N ILE A 73 -40.42 -9.29 17.62
CA ILE A 73 -40.98 -8.86 18.89
C ILE A 73 -41.23 -10.05 19.84
N ARG A 74 -41.78 -11.13 19.33
CA ARG A 74 -42.05 -12.31 20.15
C ARG A 74 -40.76 -12.91 20.68
N GLN A 75 -39.76 -13.04 19.81
CA GLN A 75 -38.49 -13.61 20.19
C GLN A 75 -37.72 -12.71 21.15
N ALA A 76 -37.88 -11.41 21.02
CA ALA A 76 -37.26 -10.44 21.94
C ALA A 76 -37.87 -10.64 23.32
N GLY A 77 -39.15 -10.98 23.34
CA GLY A 77 -39.83 -11.38 24.56
C GLY A 77 -39.89 -10.33 25.65
N GLY A 78 -39.49 -10.73 26.86
CA GLY A 78 -39.43 -9.83 28.00
C GLY A 78 -38.12 -9.05 28.04
N CYS A 79 -37.25 -9.28 27.05
CA CYS A 79 -35.99 -8.57 27.00
C CYS A 79 -36.22 -7.08 27.10
N ILE A 80 -35.33 -6.50 28.14
CA ILE A 80 -35.38 -5.05 28.21
C ILE A 80 -34.05 -4.60 27.70
N GLN A 81 -34.05 -3.76 26.67
CA GLN A 81 -32.81 -3.27 26.05
C GLN A 81 -32.88 -1.77 25.79
N PRO A 82 -31.69 -1.10 25.62
CA PRO A 82 -31.78 0.31 25.20
C PRO A 82 -32.52 0.47 23.87
N ARG A 83 -32.27 -0.42 22.92
CA ARG A 83 -32.91 -0.31 21.59
C ARG A 83 -33.83 -1.50 21.28
N GLY A 84 -35.02 -1.21 20.79
CA GLY A 84 -36.00 -2.24 20.47
C GLY A 84 -35.65 -3.08 19.23
N PRO A 85 -36.28 -4.27 19.08
CA PRO A 85 -35.95 -5.08 17.92
C PRO A 85 -36.20 -4.40 16.57
N ILE A 86 -37.32 -3.70 16.43
CA ILE A 86 -37.66 -3.02 15.19
C ILE A 86 -36.72 -1.85 14.99
N GLU A 87 -36.38 -1.20 16.09
CA GLU A 87 -35.46 -0.08 16.06
C GLU A 87 -34.08 -0.51 15.55
N GLN A 88 -33.62 -1.68 15.93
CA GLN A 88 -32.32 -2.20 15.47
C GLN A 88 -32.32 -2.46 13.98
N VAL A 89 -33.46 -2.90 13.47
CA VAL A 89 -33.61 -3.12 12.04
C VAL A 89 -33.42 -1.81 11.30
N TYR A 90 -34.03 -0.74 11.82
CA TYR A 90 -33.91 0.56 11.18
C TYR A 90 -32.49 1.11 11.24
N GLN A 91 -31.77 0.81 12.32
CA GLN A 91 -30.36 1.17 12.40
C GLN A 91 -29.52 0.46 11.33
N GLU A 92 -29.82 -0.81 11.10
CA GLU A 92 -29.13 -1.58 10.06
C GLU A 92 -29.40 -0.98 8.66
N ILE A 93 -30.66 -0.63 8.40
CA ILE A 93 -31.05 0.02 7.17
C ILE A 93 -30.27 1.32 6.96
N ALA A 94 -30.19 2.14 8.01
CA ALA A 94 -29.42 3.40 7.96
C ALA A 94 -27.94 3.18 7.65
N ILE A 95 -27.35 2.17 8.27
CA ILE A 95 -25.97 1.78 7.95
C ILE A 95 -25.82 1.41 6.47
N LEU A 96 -26.67 0.51 6.01
CA LEU A 96 -26.66 0.03 4.63
C LEU A 96 -26.86 1.14 3.60
N LYS A 97 -27.70 2.15 3.91
CA LYS A 97 -27.88 3.29 3.02
C LYS A 97 -26.63 4.16 2.82
N LYS A 98 -25.70 4.15 3.76
CA LYS A 98 -24.45 4.86 3.61
C LYS A 98 -23.50 4.22 2.60
N LEU A 99 -23.61 2.91 2.38
CA LEU A 99 -22.55 2.13 1.72
C LEU A 99 -22.68 2.03 0.21
N ASP A 100 -21.62 2.43 -0.48
CA ASP A 100 -21.54 2.34 -1.93
C ASP A 100 -20.10 1.99 -2.34
N HIS A 101 -19.79 0.70 -2.37
CA HIS A 101 -18.43 0.22 -2.66
C HIS A 101 -18.53 -1.11 -3.41
N PRO A 102 -17.54 -1.39 -4.30
CA PRO A 102 -17.65 -2.64 -5.06
C PRO A 102 -17.49 -3.93 -4.25
N ASN A 103 -16.86 -3.85 -3.09
CA ASN A 103 -16.66 -5.00 -2.20
C ASN A 103 -17.59 -5.04 -0.99
N VAL A 104 -18.71 -4.35 -1.09
CA VAL A 104 -19.77 -4.35 -0.07
C VAL A 104 -21.12 -4.49 -0.79
N VAL A 105 -22.04 -5.22 -0.18
CA VAL A 105 -23.39 -5.37 -0.76
C VAL A 105 -24.09 -4.03 -0.88
N LYS A 106 -25.07 -3.97 -1.76
CA LYS A 106 -25.78 -2.75 -2.09
C LYS A 106 -27.27 -2.90 -1.84
N LEU A 107 -27.77 -2.14 -0.87
CA LEU A 107 -29.19 -2.05 -0.60
C LEU A 107 -29.84 -1.15 -1.65
N VAL A 108 -30.86 -1.66 -2.33
CA VAL A 108 -31.54 -0.95 -3.41
C VAL A 108 -32.82 -0.28 -2.93
N GLU A 109 -33.54 -0.93 -2.02
CA GLU A 109 -34.85 -0.48 -1.64
C GLU A 109 -35.31 -1.17 -0.35
N VAL A 110 -36.22 -0.51 0.37
CA VAL A 110 -36.88 -1.09 1.51
C VAL A 110 -38.40 -1.04 1.30
N LEU A 111 -39.07 -2.16 1.46
CA LEU A 111 -40.53 -2.20 1.35
C LEU A 111 -41.11 -2.41 2.74
N ASP A 112 -41.71 -1.35 3.26
CA ASP A 112 -42.24 -1.29 4.62
C ASP A 112 -43.63 -0.70 4.61
N ASP A 113 -44.60 -1.46 5.07
CA ASP A 113 -45.95 -0.95 5.26
C ASP A 113 -46.28 -1.06 6.73
N PRO A 114 -46.69 0.06 7.38
CA PRO A 114 -47.06 -0.07 8.80
C PRO A 114 -48.19 -1.06 9.06
N ASN A 115 -49.07 -1.27 8.08
CA ASN A 115 -50.13 -2.29 8.20
C ASN A 115 -49.68 -3.76 8.04
N GLU A 116 -48.58 -4.01 7.35
CA GLU A 116 -48.13 -5.39 7.11
C GLU A 116 -47.00 -5.86 8.04
N ASP A 117 -46.99 -7.14 8.35
CA ASP A 117 -46.05 -7.70 9.33
C ASP A 117 -44.62 -7.80 8.79
N HIS A 118 -44.50 -8.11 7.50
CA HIS A 118 -43.21 -8.33 6.89
C HIS A 118 -42.59 -7.06 6.37
N LEU A 119 -41.26 -7.01 6.48
CA LEU A 119 -40.45 -5.92 5.99
C LEU A 119 -39.46 -6.53 4.99
N TYR A 120 -39.29 -5.90 3.84
CA TYR A 120 -38.44 -6.45 2.78
C TYR A 120 -37.29 -5.50 2.46
N MET A 121 -36.08 -6.02 2.58
CA MET A 121 -34.88 -5.27 2.23
C MET A 121 -34.38 -5.86 0.92
N VAL A 122 -34.38 -5.06 -0.13
CA VAL A 122 -34.01 -5.53 -1.45
C VAL A 122 -32.56 -5.14 -1.75
N PHE A 123 -31.73 -6.13 -2.05
CA PHE A 123 -30.34 -5.92 -2.36
C PHE A 123 -30.05 -6.37 -3.79
N GLU A 124 -28.99 -5.82 -4.38
CA GLU A 124 -28.41 -6.35 -5.59
C GLU A 124 -27.89 -7.75 -5.30
N LEU A 125 -28.09 -8.65 -6.25
CA LEU A 125 -27.67 -10.04 -6.14
C LEU A 125 -26.18 -10.20 -6.42
N VAL A 126 -25.52 -11.05 -5.65
CA VAL A 126 -24.12 -11.38 -5.88
C VAL A 126 -24.24 -12.81 -6.32
N ASN A 127 -23.99 -13.10 -7.58
CA ASN A 127 -24.48 -14.35 -8.21
C ASN A 127 -23.91 -15.67 -7.67
N GLN A 128 -22.63 -15.76 -7.32
CA GLN A 128 -22.07 -17.05 -7.02
CA GLN A 128 -22.07 -17.05 -7.02
C GLN A 128 -22.23 -17.52 -5.58
N GLY A 129 -22.74 -16.68 -4.67
CA GLY A 129 -22.94 -17.10 -3.27
C GLY A 129 -21.72 -17.03 -2.36
N PRO A 130 -21.82 -17.59 -1.14
CA PRO A 130 -20.68 -17.55 -0.22
C PRO A 130 -19.43 -18.18 -0.76
N VAL A 131 -18.30 -17.57 -0.46
CA VAL A 131 -17.01 -18.04 -0.91
C VAL A 131 -16.66 -19.43 -0.33
N MET A 132 -17.04 -19.69 0.91
CA MET A 132 -16.71 -20.92 1.61
C MET A 132 -17.68 -21.18 2.76
N GLU A 133 -17.97 -22.45 3.02
CA GLU A 133 -18.62 -22.85 4.29
C GLU A 133 -17.69 -23.77 5.06
N VAL A 134 -17.48 -23.40 6.32
CA VAL A 134 -16.51 -24.07 7.19
C VAL A 134 -17.23 -25.12 8.05
N PRO A 135 -16.63 -26.28 8.29
CA PRO A 135 -15.34 -26.69 7.72
C PRO A 135 -15.46 -27.31 6.34
N THR A 136 -14.33 -27.40 5.62
CA THR A 136 -14.30 -27.98 4.28
C THR A 136 -13.00 -28.70 4.05
N LEU A 137 -13.08 -29.77 3.27
CA LEU A 137 -11.88 -30.54 2.91
C LEU A 137 -11.21 -29.95 1.68
N LYS A 138 -11.85 -28.99 1.03
CA LYS A 138 -11.29 -28.38 -0.17
C LYS A 138 -11.07 -26.88 0.09
N PRO A 139 -9.99 -26.52 0.81
CA PRO A 139 -9.77 -25.09 1.02
C PRO A 139 -9.25 -24.42 -0.23
N LEU A 140 -9.13 -23.11 -0.16
CA LEU A 140 -8.62 -22.30 -1.25
C LEU A 140 -7.12 -22.45 -1.36
N SER A 141 -6.57 -22.30 -2.56
CA SER A 141 -5.13 -22.18 -2.73
C SER A 141 -4.67 -20.86 -2.10
N GLU A 142 -3.36 -20.73 -1.88
CA GLU A 142 -2.80 -19.49 -1.37
C GLU A 142 -3.03 -18.32 -2.32
N ASP A 143 -2.92 -18.53 -3.63
CA ASP A 143 -3.18 -17.47 -4.60
C ASP A 143 -4.65 -17.06 -4.65
N GLN A 144 -5.58 -18.03 -4.57
CA GLN A 144 -7.00 -17.72 -4.51
C GLN A 144 -7.34 -16.95 -3.22
N ALA A 145 -6.74 -17.37 -2.10
CA ALA A 145 -6.95 -16.70 -0.80
C ALA A 145 -6.46 -15.25 -0.81
N ARG A 146 -5.32 -15.00 -1.45
CA ARG A 146 -4.79 -13.64 -1.54
C ARG A 146 -5.70 -12.74 -2.35
N PHE A 147 -6.19 -13.27 -3.46
CA PHE A 147 -7.13 -12.54 -4.32
C PHE A 147 -8.38 -12.10 -3.53
N TYR A 148 -9.01 -13.03 -2.80
CA TYR A 148 -10.18 -12.71 -2.00
C TYR A 148 -9.86 -11.85 -0.78
N PHE A 149 -8.69 -12.08 -0.17
CA PHE A 149 -8.30 -11.33 1.01
C PHE A 149 -8.06 -9.86 0.69
N GLN A 150 -7.55 -9.59 -0.51
CA GLN A 150 -7.41 -8.22 -0.99
C GLN A 150 -8.72 -7.49 -1.10
N ASP A 151 -9.73 -8.16 -1.63
CA ASP A 151 -11.09 -7.63 -1.67
C ASP A 151 -11.62 -7.33 -0.26
N LEU A 152 -11.38 -8.26 0.66
CA LEU A 152 -11.84 -8.12 2.02
C LEU A 152 -11.22 -6.88 2.69
N ILE A 153 -9.92 -6.70 2.50
CA ILE A 153 -9.19 -5.54 3.03
C ILE A 153 -9.81 -4.23 2.51
N LYS A 154 -10.06 -4.17 1.22
CA LYS A 154 -10.63 -2.97 0.60
C LYS A 154 -12.03 -2.67 1.10
N GLY A 155 -12.84 -3.73 1.27
CA GLY A 155 -14.18 -3.57 1.75
C GLY A 155 -14.21 -3.10 3.21
N ILE A 156 -13.34 -3.67 4.04
CA ILE A 156 -13.26 -3.30 5.44
C ILE A 156 -12.64 -1.93 5.70
N GLU A 157 -11.62 -1.58 4.94
CA GLU A 157 -11.09 -0.23 4.95
C GLU A 157 -12.19 0.80 4.65
N TYR A 158 -13.02 0.49 3.65
CA TYR A 158 -14.17 1.32 3.32
C TYR A 158 -15.17 1.42 4.47
N LEU A 159 -15.52 0.28 5.07
CA LEU A 159 -16.47 0.28 6.19
C LEU A 159 -15.94 1.13 7.34
N HIS A 160 -14.68 0.93 7.70
CA HIS A 160 -14.06 1.70 8.78
C HIS A 160 -13.97 3.20 8.45
N TYR A 161 -13.71 3.51 7.18
CA TYR A 161 -13.73 4.88 6.71
C TYR A 161 -15.11 5.53 6.85
N GLN A 162 -16.15 4.72 6.61
CA GLN A 162 -17.55 5.15 6.78
C GLN A 162 -18.04 5.05 8.21
N LYS A 163 -17.14 4.72 9.14
CA LYS A 163 -17.45 4.65 10.55
C LYS A 163 -18.35 3.48 10.90
N ILE A 164 -18.13 2.33 10.25
CA ILE A 164 -18.93 1.13 10.51
C ILE A 164 -18.04 -0.04 10.90
N ILE A 165 -18.41 -0.73 11.97
CA ILE A 165 -17.73 -1.94 12.37
C ILE A 165 -18.67 -3.06 12.01
N HIS A 166 -18.20 -4.03 11.22
CA HIS A 166 -19.08 -5.10 10.71
C HIS A 166 -19.51 -6.06 11.82
N ARG A 167 -18.53 -6.55 12.56
CA ARG A 167 -18.74 -7.43 13.72
C ARG A 167 -19.12 -8.87 13.42
N ASP A 168 -19.20 -9.26 12.15
CA ASP A 168 -19.55 -10.64 11.79
C ASP A 168 -18.84 -11.08 10.52
N ILE A 169 -17.55 -10.74 10.43
CA ILE A 169 -16.74 -11.12 9.31
C ILE A 169 -16.42 -12.60 9.42
N LYS A 170 -16.78 -13.32 8.36
CA LYS A 170 -16.55 -14.76 8.26
C LYS A 170 -16.75 -15.18 6.79
N PRO A 171 -16.18 -16.33 6.40
CA PRO A 171 -16.25 -16.68 4.99
C PRO A 171 -17.68 -16.82 4.41
N SER A 172 -18.62 -17.30 5.20
CA SER A 172 -19.99 -17.47 4.72
C SER A 172 -20.75 -16.16 4.53
N ASN A 173 -20.23 -15.06 5.07
CA ASN A 173 -20.76 -13.73 4.81
C ASN A 173 -20.04 -12.96 3.67
N LEU A 174 -19.10 -13.61 2.98
CA LEU A 174 -18.39 -13.01 1.88
C LEU A 174 -18.90 -13.64 0.58
N LEU A 175 -19.63 -12.87 -0.22
CA LEU A 175 -20.33 -13.40 -1.38
C LEU A 175 -19.51 -13.12 -2.64
N VAL A 176 -19.42 -14.11 -3.52
CA VAL A 176 -18.64 -14.01 -4.76
C VAL A 176 -19.58 -13.60 -5.89
N GLY A 177 -19.21 -12.53 -6.59
CA GLY A 177 -19.99 -12.03 -7.71
C GLY A 177 -19.70 -12.84 -8.97
N GLU A 178 -20.49 -12.59 -10.01
CA GLU A 178 -20.19 -13.12 -11.35
C GLU A 178 -18.79 -12.76 -11.85
N ASP A 179 -18.30 -11.57 -11.49
CA ASP A 179 -16.95 -11.13 -11.88
C ASP A 179 -15.81 -11.69 -10.99
N GLY A 180 -16.13 -12.56 -10.04
CA GLY A 180 -15.12 -13.24 -9.24
C GLY A 180 -14.71 -12.53 -7.96
N HIS A 181 -15.22 -11.32 -7.74
CA HIS A 181 -14.81 -10.50 -6.59
C HIS A 181 -15.79 -10.66 -5.44
N ILE A 182 -15.27 -10.41 -4.25
CA ILE A 182 -15.99 -10.56 -2.99
C ILE A 182 -16.77 -9.30 -2.64
N LYS A 183 -17.97 -9.52 -2.11
CA LYS A 183 -18.75 -8.46 -1.46
C LYS A 183 -19.10 -8.85 -0.03
N ILE A 184 -18.88 -7.95 0.92
CA ILE A 184 -19.22 -8.16 2.32
C ILE A 184 -20.72 -8.03 2.53
N ALA A 185 -21.31 -9.02 3.19
CA ALA A 185 -22.74 -9.06 3.49
C ALA A 185 -23.00 -9.32 4.98
N ASP A 186 -24.28 -9.23 5.33
CA ASP A 186 -24.82 -9.41 6.69
C ASP A 186 -24.40 -8.33 7.66
N PHE A 187 -25.16 -7.22 7.69
CA PHE A 187 -24.92 -6.11 8.59
C PHE A 187 -25.86 -6.12 9.82
N GLY A 188 -26.41 -7.29 10.13
CA GLY A 188 -27.35 -7.47 11.25
C GLY A 188 -26.84 -7.07 12.62
N VAL A 189 -25.55 -7.29 12.88
CA VAL A 189 -24.96 -6.95 14.17
C VAL A 189 -23.95 -5.83 14.07
N SER A 190 -23.94 -5.14 12.93
CA SER A 190 -22.99 -4.04 12.72
C SER A 190 -23.35 -2.80 13.55
N ASN A 191 -22.37 -1.92 13.80
CA ASN A 191 -22.70 -0.63 14.40
C ASN A 191 -21.89 0.52 13.85
N GLU A 192 -22.51 1.67 14.06
CA GLU A 192 -21.99 2.93 13.61
C GLU A 192 -21.31 3.60 14.81
N PHE A 193 -20.18 4.24 14.58
CA PHE A 193 -19.44 4.92 15.67
C PHE A 193 -19.08 6.34 15.27
N LYS A 194 -18.99 7.23 16.25
CA LYS A 194 -18.84 8.65 15.93
C LYS A 194 -17.37 9.06 15.82
N GLY A 195 -16.49 8.40 16.55
CA GLY A 195 -15.10 8.86 16.64
C GLY A 195 -14.08 8.32 15.64
N SER A 196 -12.82 8.25 16.08
CA SER A 196 -11.76 7.59 15.33
C SER A 196 -11.94 6.06 15.34
N ASP A 197 -12.50 5.55 16.43
CA ASP A 197 -12.79 4.14 16.58
C ASP A 197 -14.07 3.97 17.39
N ALA A 198 -14.59 2.76 17.41
CA ALA A 198 -15.76 2.41 18.20
C ALA A 198 -15.31 1.82 19.53
N LEU A 199 -15.99 2.22 20.59
CA LEU A 199 -15.71 1.71 21.92
C LEU A 199 -16.90 0.88 22.30
N LEU A 200 -16.70 -0.44 22.44
CA LEU A 200 -17.81 -1.37 22.59
C LEU A 200 -17.68 -2.22 23.83
N SEP A 201 -18.83 -2.62 24.38
CA SEP A 201 -18.83 -3.43 25.59
CB SEP A 201 -19.42 -2.57 26.69
OG SEP A 201 -20.79 -2.43 26.36
C SEP A 201 -19.64 -4.68 25.50
O SEP A 201 -19.74 -5.41 26.49
P SEP A 201 -21.63 -1.15 26.74
O1P SEP A 201 -21.94 -1.57 28.16
O2P SEP A 201 -22.77 -1.16 25.74
O3P SEP A 201 -20.65 0.00 26.54
N ASN A 202 -20.22 -4.97 24.34
CA ASN A 202 -21.13 -6.12 24.20
C ASN A 202 -20.56 -7.13 23.20
N THR A 203 -21.04 -8.35 23.31
CA THR A 203 -20.53 -9.48 22.54
C THR A 203 -21.57 -9.93 21.53
N VAL A 204 -21.26 -9.76 20.25
CA VAL A 204 -22.17 -10.16 19.17
C VAL A 204 -21.41 -10.84 18.02
N GLY A 205 -22.16 -11.54 17.19
CA GLY A 205 -21.64 -12.21 16.00
C GLY A 205 -21.51 -13.70 16.17
N THR A 206 -20.63 -14.29 15.36
CA THR A 206 -20.44 -15.72 15.35
C THR A 206 -19.33 -16.06 16.35
N PRO A 207 -19.60 -16.98 17.30
CA PRO A 207 -18.62 -17.30 18.36
C PRO A 207 -17.20 -17.65 17.91
N ALA A 208 -17.05 -18.45 16.84
CA ALA A 208 -15.71 -18.87 16.42
C ALA A 208 -14.85 -17.72 15.88
N PHE A 209 -15.48 -16.59 15.56
CA PHE A 209 -14.81 -15.41 15.01
C PHE A 209 -14.72 -14.22 15.97
N MET A 210 -15.16 -14.41 17.22
CA MET A 210 -15.12 -13.36 18.24
C MET A 210 -13.74 -13.20 18.86
N ALA A 211 -13.30 -11.95 19.01
CA ALA A 211 -11.98 -11.67 19.56
C ALA A 211 -11.92 -11.94 21.08
N PRO A 212 -10.74 -12.27 21.63
CA PRO A 212 -10.61 -12.59 23.06
C PRO A 212 -11.06 -11.46 23.99
N GLU A 213 -10.69 -10.21 23.66
CA GLU A 213 -11.15 -9.00 24.40
C GLU A 213 -12.64 -8.96 24.64
N SER A 214 -13.44 -9.27 23.61
CA SER A 214 -14.89 -9.16 23.70
C SER A 214 -15.42 -10.19 24.66
N LEU A 215 -14.79 -11.35 24.68
CA LEU A 215 -15.22 -12.45 25.57
C LEU A 215 -14.72 -12.29 27.01
N SER A 216 -13.63 -11.57 27.22
CA SER A 216 -13.00 -11.45 28.53
C SER A 216 -13.76 -10.51 29.47
N GLU A 217 -13.99 -10.96 30.71
CA GLU A 217 -14.57 -10.09 31.76
C GLU A 217 -13.61 -8.95 32.16
N THR A 218 -12.31 -9.18 32.09
CA THR A 218 -11.34 -8.13 32.42
C THR A 218 -11.41 -6.91 31.48
N ARG A 219 -11.67 -7.15 30.20
CA ARG A 219 -11.75 -6.07 29.20
C ARG A 219 -13.21 -5.60 29.07
N LYS A 220 -13.59 -4.59 29.83
CA LYS A 220 -14.99 -4.14 29.83
C LYS A 220 -15.35 -3.35 28.56
N ILE A 221 -14.39 -2.61 28.04
CA ILE A 221 -14.55 -1.91 26.76
C ILE A 221 -13.43 -2.34 25.84
N PHE A 222 -13.69 -2.25 24.53
CA PHE A 222 -12.71 -2.69 23.51
C PHE A 222 -12.91 -1.99 22.16
N SER A 223 -11.79 -1.82 21.45
CA SER A 223 -11.74 -1.21 20.12
C SER A 223 -12.52 -2.05 19.11
N GLY A 224 -13.38 -1.39 18.34
CA GLY A 224 -14.16 -2.04 17.29
C GLY A 224 -13.37 -2.52 16.09
N LYS A 225 -12.41 -1.71 15.65
CA LYS A 225 -11.59 -2.05 14.49
C LYS A 225 -10.77 -3.32 14.71
N ALA A 226 -10.26 -3.47 15.91
CA ALA A 226 -9.45 -4.62 16.25
C ALA A 226 -10.28 -5.91 16.24
N LEU A 227 -11.58 -5.83 16.53
CA LEU A 227 -12.47 -6.98 16.47
C LEU A 227 -12.63 -7.49 15.03
N ASP A 228 -12.80 -6.56 14.11
CA ASP A 228 -12.90 -6.88 12.68
C ASP A 228 -11.60 -7.48 12.14
N VAL A 229 -10.45 -7.02 12.64
CA VAL A 229 -9.16 -7.56 12.22
C VAL A 229 -8.99 -8.98 12.72
N TRP A 230 -9.35 -9.22 13.97
CA TRP A 230 -9.27 -10.58 14.52
C TRP A 230 -10.10 -11.55 13.67
N ALA A 231 -11.33 -11.14 13.36
CA ALA A 231 -12.25 -11.93 12.54
C ALA A 231 -11.74 -12.12 11.09
N MET A 232 -11.15 -11.08 10.52
CA MET A 232 -10.42 -11.20 9.26
C MET A 232 -9.31 -12.26 9.35
N GLY A 233 -8.64 -12.33 10.49
CA GLY A 233 -7.58 -13.31 10.72
C GLY A 233 -8.09 -14.73 10.78
N VAL A 234 -9.17 -14.92 11.52
CA VAL A 234 -9.83 -16.24 11.59
C VAL A 234 -10.29 -16.63 10.18
N THR A 235 -10.84 -15.66 9.45
CA THR A 235 -11.34 -15.89 8.09
C THR A 235 -10.23 -16.35 7.13
N LEU A 236 -9.06 -15.72 7.22
CA LEU A 236 -7.95 -16.06 6.34
C LEU A 236 -7.40 -17.47 6.67
N TYR A 237 -7.32 -17.80 7.96
CA TYR A 237 -6.95 -19.13 8.40
C TYR A 237 -7.92 -20.16 7.83
N CYS A 238 -9.21 -19.84 7.88
CA CYS A 238 -10.25 -20.69 7.29
C CYS A 238 -10.08 -20.86 5.79
N PHE A 239 -9.80 -19.76 5.09
CA PHE A 239 -9.56 -19.77 3.65
C PHE A 239 -8.54 -20.85 3.25
N VAL A 240 -7.40 -20.91 3.94
CA VAL A 240 -6.28 -21.77 3.52
C VAL A 240 -6.27 -23.15 4.17
N PHE A 241 -6.87 -23.28 5.34
CA PHE A 241 -6.94 -24.57 6.01
C PHE A 241 -8.29 -25.25 5.96
N GLY A 242 -9.34 -24.54 5.59
CA GLY A 242 -10.68 -25.12 5.61
C GLY A 242 -11.24 -25.46 7.00
N GLN A 243 -10.64 -24.92 8.05
CA GLN A 243 -11.08 -25.18 9.42
C GLN A 243 -10.76 -23.97 10.30
N CYS A 244 -11.44 -23.87 11.42
CA CYS A 244 -11.25 -22.75 12.35
C CYS A 244 -10.03 -22.98 13.24
N PRO A 245 -9.33 -21.91 13.61
CA PRO A 245 -8.22 -22.04 14.56
C PRO A 245 -8.65 -22.52 15.93
N PHE A 246 -9.81 -22.07 16.39
CA PHE A 246 -10.35 -22.46 17.68
C PHE A 246 -11.75 -23.00 17.49
N MET A 247 -12.01 -24.16 18.06
CA MET A 247 -13.32 -24.81 17.94
C MET A 247 -13.60 -25.77 19.06
N ASP A 248 -14.85 -25.77 19.48
CA ASP A 248 -15.37 -26.76 20.39
C ASP A 248 -16.87 -26.88 20.15
N GLU A 249 -17.43 -28.02 20.53
CA GLU A 249 -18.87 -28.26 20.44
C GLU A 249 -19.64 -27.40 21.46
N ARG A 250 -19.08 -27.25 22.66
CA ARG A 250 -19.69 -26.46 23.74
C ARG A 250 -19.18 -25.02 23.64
N ILE A 251 -20.09 -24.06 23.50
CA ILE A 251 -19.73 -22.65 23.24
C ILE A 251 -18.94 -22.01 24.37
N MET A 252 -19.18 -22.46 25.60
CA MET A 252 -18.41 -21.96 26.75
C MET A 252 -16.96 -22.41 26.71
N CYS A 253 -16.71 -23.61 26.20
CA CYS A 253 -15.33 -24.07 25.97
C CYS A 253 -14.67 -23.31 24.83
N LEU A 254 -15.42 -23.03 23.77
CA LEU A 254 -14.90 -22.31 22.63
C LEU A 254 -14.41 -20.94 23.10
N HIS A 255 -15.20 -20.26 23.92
CA HIS A 255 -14.80 -18.95 24.48
C HIS A 255 -13.49 -19.05 25.24
N SEP A 256 -13.36 -20.09 26.07
CA SEP A 256 -12.10 -20.33 26.78
CB SEP A 256 -12.19 -21.53 27.72
OG SEP A 256 -12.78 -21.11 28.95
C SEP A 256 -10.93 -20.58 25.89
O SEP A 256 -9.82 -20.11 26.17
P SEP A 256 -11.89 -20.59 30.22
O1P SEP A 256 -12.97 -20.87 31.25
O2P SEP A 256 -10.63 -21.42 30.31
O3P SEP A 256 -11.65 -19.10 29.96
N LYS A 257 -11.14 -21.35 24.81
CA LYS A 257 -10.03 -21.62 23.88
C LYS A 257 -9.59 -20.36 23.14
N ILE A 258 -10.55 -19.53 22.75
CA ILE A 258 -10.23 -18.27 22.08
C ILE A 258 -9.34 -17.41 22.98
N LYS A 259 -9.69 -17.35 24.27
CA LYS A 259 -8.93 -16.55 25.23
C LYS A 259 -7.58 -17.13 25.61
N SER A 260 -7.49 -18.45 25.70
CA SER A 260 -6.40 -19.11 26.42
C SER A 260 -5.59 -20.14 25.63
N GLN A 261 -6.09 -20.63 24.49
CA GLN A 261 -5.40 -21.66 23.70
C GLN A 261 -4.45 -20.98 22.71
N ALA A 262 -3.21 -21.43 22.68
CA ALA A 262 -2.23 -20.93 21.71
C ALA A 262 -2.65 -21.21 20.28
N LEU A 263 -2.41 -20.25 19.39
CA LEU A 263 -2.67 -20.46 17.96
C LEU A 263 -1.78 -21.58 17.49
N GLU A 264 -2.37 -22.57 16.82
CA GLU A 264 -1.64 -23.67 16.24
C GLU A 264 -2.12 -23.88 14.81
N PHE A 265 -1.16 -24.07 13.92
CA PHE A 265 -1.45 -24.27 12.49
C PHE A 265 -1.47 -25.77 12.18
N PRO A 266 -2.37 -26.21 11.26
CA PRO A 266 -2.27 -27.61 10.86
C PRO A 266 -1.01 -27.90 10.04
N ASP A 267 -0.59 -29.16 10.02
CA ASP A 267 0.53 -29.60 9.17
C ASP A 267 0.25 -29.46 7.69
N GLN A 268 -0.98 -29.77 7.27
CA GLN A 268 -1.35 -29.69 5.87
C GLN A 268 -2.59 -28.81 5.67
N PRO A 269 -2.64 -27.98 4.62
CA PRO A 269 -1.52 -27.80 3.68
C PRO A 269 -0.37 -27.05 4.31
N ASP A 270 0.82 -27.24 3.74
CA ASP A 270 2.02 -26.56 4.22
C ASP A 270 2.06 -25.17 3.59
N ILE A 271 1.75 -24.14 4.36
CA ILE A 271 1.63 -22.78 3.82
C ILE A 271 2.91 -22.00 4.00
N ALA A 272 3.06 -20.94 3.22
CA ALA A 272 4.22 -20.06 3.34
C ALA A 272 4.35 -19.39 4.71
N GLU A 273 5.59 -19.26 5.16
CA GLU A 273 5.93 -18.64 6.45
C GLU A 273 5.45 -17.20 6.45
N ASP A 274 5.51 -16.64 5.26
CA ASP A 274 4.95 -15.37 4.91
C ASP A 274 3.49 -15.19 5.40
N LEU A 275 2.64 -16.12 4.98
CA LEU A 275 1.23 -16.11 5.30
C LEU A 275 1.03 -16.43 6.77
N LYS A 276 1.85 -17.35 7.27
CA LYS A 276 1.76 -17.76 8.66
C LYS A 276 1.97 -16.56 9.59
N ASP A 277 2.94 -15.72 9.26
CA ASP A 277 3.26 -14.53 10.03
C ASP A 277 2.09 -13.53 10.08
N LEU A 278 1.47 -13.28 8.92
CA LEU A 278 0.33 -12.38 8.85
C LEU A 278 -0.84 -12.86 9.72
N ILE A 279 -1.17 -14.15 9.64
CA ILE A 279 -2.27 -14.72 10.43
C ILE A 279 -1.96 -14.66 11.92
N THR A 280 -0.72 -14.94 12.30
CA THR A 280 -0.29 -14.86 13.69
C THR A 280 -0.46 -13.46 14.28
N ARG A 281 -0.17 -12.45 13.48
CA ARG A 281 -0.27 -11.06 13.93
C ARG A 281 -1.71 -10.58 13.98
N MET A 282 -2.55 -11.10 13.09
CA MET A 282 -3.98 -10.79 13.09
C MET A 282 -4.67 -11.50 14.26
N LEU A 283 -4.18 -12.68 14.64
CA LEU A 283 -4.71 -13.44 15.77
C LEU A 283 -3.84 -13.31 17.04
N ASP A 284 -3.15 -12.18 17.16
CA ASP A 284 -2.56 -11.73 18.41
C ASP A 284 -3.69 -11.50 19.39
N LYS A 285 -3.65 -12.16 20.55
CA LYS A 285 -4.72 -12.05 21.53
C LYS A 285 -4.77 -10.71 22.24
N ASN A 286 -3.67 -9.97 22.21
CA ASN A 286 -3.65 -8.60 22.72
C ASN A 286 -4.07 -7.64 21.60
N PRO A 287 -5.21 -6.95 21.78
CA PRO A 287 -5.69 -6.00 20.75
C PRO A 287 -4.81 -4.76 20.56
N GLU A 288 -4.00 -4.41 21.55
CA GLU A 288 -3.11 -3.26 21.43
C GLU A 288 -1.91 -3.51 20.51
N SER A 289 -1.36 -4.72 20.55
CA SER A 289 -0.24 -5.09 19.68
C SER A 289 -0.67 -5.77 18.37
N ARG A 290 -1.95 -6.06 18.23
CA ARG A 290 -2.48 -6.68 17.02
C ARG A 290 -2.29 -5.77 15.83
N ILE A 291 -1.95 -6.37 14.70
CA ILE A 291 -1.76 -5.65 13.46
C ILE A 291 -3.05 -4.91 13.06
N VAL A 292 -2.87 -3.71 12.50
CA VAL A 292 -3.97 -2.85 12.08
C VAL A 292 -4.07 -2.91 10.57
N VAL A 293 -5.18 -2.42 10.03
CA VAL A 293 -5.45 -2.53 8.61
C VAL A 293 -4.37 -1.84 7.75
N PRO A 294 -3.95 -0.60 8.10
CA PRO A 294 -2.85 0.03 7.33
C PRO A 294 -1.54 -0.78 7.28
N GLU A 295 -1.26 -1.57 8.31
CA GLU A 295 -0.10 -2.47 8.28
C GLU A 295 -0.36 -3.72 7.42
N ILE A 296 -1.58 -4.27 7.51
CA ILE A 296 -2.00 -5.43 6.72
C ILE A 296 -1.87 -5.15 5.22
N LYS A 297 -2.29 -3.95 4.81
CA LYS A 297 -2.21 -3.54 3.39
C LYS A 297 -0.80 -3.64 2.80
N LEU A 298 0.22 -3.44 3.63
CA LEU A 298 1.61 -3.43 3.19
C LEU A 298 2.34 -4.70 3.52
N HIS A 299 1.64 -5.71 4.03
CA HIS A 299 2.29 -6.97 4.44
C HIS A 299 2.77 -7.69 3.18
N PRO A 300 3.99 -8.24 3.20
CA PRO A 300 4.56 -8.92 2.01
C PRO A 300 3.68 -10.00 1.38
N TRP A 301 2.96 -10.75 2.20
CA TRP A 301 2.05 -11.78 1.68
C TRP A 301 0.89 -11.19 0.89
N VAL A 302 0.29 -10.15 1.44
CA VAL A 302 -0.85 -9.48 0.79
C VAL A 302 -0.46 -8.90 -0.56
N THR A 303 0.73 -8.29 -0.60
CA THR A 303 1.19 -7.56 -1.78
C THR A 303 2.03 -8.40 -2.74
N ARG A 304 2.30 -9.66 -2.41
CA ARG A 304 3.26 -10.47 -3.20
C ARG A 304 4.58 -9.68 -3.28
N HIS A 305 5.04 -9.22 -2.12
CA HIS A 305 6.28 -8.48 -1.98
C HIS A 305 6.37 -7.23 -2.85
N GLY A 306 5.27 -6.47 -2.92
CA GLY A 306 5.24 -5.21 -3.65
C GLY A 306 4.76 -5.30 -5.08
N ALA A 307 4.60 -6.52 -5.59
CA ALA A 307 4.06 -6.75 -6.95
C ALA A 307 2.59 -6.35 -7.11
N GLU A 308 1.77 -6.55 -6.07
CA GLU A 308 0.33 -6.24 -6.11
C GLU A 308 -0.04 -5.32 -4.95
N PRO A 309 0.36 -4.05 -5.02
CA PRO A 309 0.03 -3.13 -3.93
C PRO A 309 -1.43 -2.70 -3.95
N LEU A 310 -1.99 -2.46 -2.77
CA LEU A 310 -3.38 -2.02 -2.67
C LEU A 310 -3.46 -0.53 -2.90
N PRO A 311 -4.63 -0.04 -3.34
CA PRO A 311 -4.79 1.41 -3.47
C PRO A 311 -4.79 2.10 -2.12
N SER A 312 -4.53 3.40 -2.13
CA SER A 312 -4.53 4.20 -0.90
C SER A 312 -5.94 4.28 -0.34
N GLU A 313 -6.03 4.67 0.91
CA GLU A 313 -7.33 4.81 1.55
C GLU A 313 -8.24 5.76 0.76
N ASP A 314 -7.72 6.92 0.37
CA ASP A 314 -8.52 7.89 -0.40
C ASP A 314 -8.95 7.36 -1.78
N GLU A 315 -8.06 6.65 -2.45
CA GLU A 315 -8.36 6.08 -3.77
C GLU A 315 -9.47 5.01 -3.64
N ASN A 316 -9.36 4.19 -2.61
CA ASN A 316 -10.34 3.14 -2.32
C ASN A 316 -11.68 3.67 -1.75
N CYS A 317 -11.63 4.66 -0.87
CA CYS A 317 -12.84 5.10 -0.11
C CYS A 317 -13.61 6.32 -0.66
N TPO A 318 -12.89 7.36 -1.05
CA TPO A 318 -13.55 8.58 -1.55
CB TPO A 318 -13.17 9.75 -0.64
CG2 TPO A 318 -11.73 10.24 -0.89
OG1 TPO A 318 -14.17 10.75 -0.88
P TPO A 318 -14.83 11.44 0.43
O1P TPO A 318 -14.58 10.63 1.68
O2P TPO A 318 -14.18 12.80 0.53
O3P TPO A 318 -16.33 11.57 0.20
C TPO A 318 -13.30 8.84 -3.01
O TPO A 318 -13.58 9.92 -3.53
N LEU A 319 -12.79 7.83 -3.71
CA LEU A 319 -12.66 7.87 -5.16
C LEU A 319 -13.57 6.80 -5.73
N GLN B 32 25.81 -19.56 0.03
CA GLN B 32 25.57 -18.85 1.32
C GLN B 32 24.08 -18.61 1.62
N LEU B 33 23.38 -17.94 0.72
CA LEU B 33 21.96 -17.59 0.93
C LEU B 33 21.16 -18.09 -0.27
N ASP B 34 20.36 -19.13 -0.05
CA ASP B 34 19.67 -19.82 -1.13
C ASP B 34 20.70 -20.22 -2.20
N GLN B 35 20.46 -19.84 -3.46
CA GLN B 35 21.40 -20.01 -4.55
C GLN B 35 22.43 -18.88 -4.71
N TYR B 36 22.41 -17.88 -3.83
CA TYR B 36 23.36 -16.76 -3.88
C TYR B 36 24.58 -16.94 -2.98
N THR B 37 25.76 -16.68 -3.54
CA THR B 37 26.99 -16.63 -2.77
C THR B 37 27.23 -15.15 -2.45
N LEU B 38 27.28 -14.78 -1.17
CA LEU B 38 27.54 -13.41 -0.80
C LEU B 38 29.02 -13.05 -0.86
N LYS B 39 29.29 -11.86 -1.39
CA LYS B 39 30.65 -11.37 -1.51
C LYS B 39 30.78 -10.03 -0.77
N ASP B 40 31.74 -9.21 -1.19
CA ASP B 40 32.08 -7.97 -0.50
C ASP B 40 31.02 -6.89 -0.58
N GLU B 41 31.06 -6.01 0.41
CA GLU B 41 30.25 -4.81 0.45
C GLU B 41 30.84 -3.87 -0.59
N ILE B 42 30.00 -3.32 -1.46
CA ILE B 42 30.48 -2.46 -2.54
C ILE B 42 29.97 -1.02 -2.50
N GLY B 43 28.91 -0.77 -1.73
CA GLY B 43 28.41 0.59 -1.54
C GLY B 43 27.43 0.70 -0.36
N LYS B 44 27.07 1.93 -0.05
CA LYS B 44 26.17 2.24 1.07
C LYS B 44 25.29 3.37 0.59
N GLY B 45 23.98 3.13 0.52
CA GLY B 45 23.04 4.20 0.17
C GLY B 45 22.50 4.92 1.40
N SER B 46 21.35 5.57 1.24
CA SER B 46 20.63 6.15 2.39
C SER B 46 20.38 5.13 3.52
N TYR B 47 20.03 3.90 3.16
CA TYR B 47 19.81 2.83 4.14
C TYR B 47 20.56 1.58 3.74
N GLY B 48 21.03 0.87 4.75
CA GLY B 48 21.60 -0.45 4.57
C GLY B 48 22.95 -0.45 3.87
N VAL B 49 23.30 -1.62 3.36
CA VAL B 49 24.58 -1.85 2.70
C VAL B 49 24.29 -2.56 1.38
N VAL B 50 24.98 -2.19 0.31
CA VAL B 50 24.93 -2.95 -0.93
C VAL B 50 26.13 -3.88 -1.01
N LYS B 51 25.84 -5.13 -1.31
CA LYS B 51 26.80 -6.23 -1.29
C LYS B 51 26.78 -6.91 -2.66
N LEU B 52 27.93 -7.35 -3.16
CA LEU B 52 28.01 -8.11 -4.40
C LEU B 52 27.61 -9.55 -4.08
N ALA B 53 26.80 -10.15 -4.95
CA ALA B 53 26.42 -11.56 -4.81
C ALA B 53 26.49 -12.28 -6.15
N TYR B 54 26.75 -13.58 -6.08
CA TYR B 54 26.81 -14.42 -7.28
C TYR B 54 25.75 -15.52 -7.21
N ASN B 55 24.89 -15.57 -8.22
CA ASN B 55 23.85 -16.59 -8.31
C ASN B 55 24.44 -17.82 -9.03
N GLU B 56 24.53 -18.92 -8.31
CA GLU B 56 25.11 -20.16 -8.85
C GLU B 56 24.28 -20.85 -9.95
N ASN B 57 22.97 -20.59 -9.99
CA ASN B 57 22.07 -21.25 -10.95
C ASN B 57 22.12 -20.59 -12.31
N ASP B 58 22.13 -19.25 -12.38
CA ASP B 58 22.18 -18.55 -13.69
C ASP B 58 23.53 -17.89 -13.99
N ASN B 59 24.51 -18.13 -13.11
CA ASN B 59 25.88 -17.66 -13.32
C ASN B 59 25.96 -16.15 -13.52
N THR B 60 25.13 -15.42 -12.76
CA THR B 60 25.04 -13.99 -12.89
C THR B 60 25.36 -13.33 -11.57
N TYR B 61 26.05 -12.21 -11.65
CA TYR B 61 26.34 -11.39 -10.49
C TYR B 61 25.16 -10.45 -10.27
N TYR B 62 24.81 -10.25 -9.00
CA TYR B 62 23.77 -9.31 -8.61
C TYR B 62 24.28 -8.38 -7.51
N ALA B 63 23.63 -7.24 -7.38
CA ALA B 63 23.85 -6.35 -6.24
C ALA B 63 22.71 -6.56 -5.25
N MET B 64 23.06 -6.76 -3.99
CA MET B 64 22.08 -6.97 -2.94
C MET B 64 22.09 -5.86 -1.91
N LYS B 65 20.96 -5.16 -1.77
CA LYS B 65 20.77 -4.26 -0.62
C LYS B 65 20.36 -5.08 0.59
N VAL B 66 21.16 -5.04 1.66
CA VAL B 66 20.90 -5.77 2.89
C VAL B 66 20.47 -4.79 3.97
N LEU B 67 19.28 -5.04 4.53
CA LEU B 67 18.70 -4.23 5.61
C LEU B 67 18.52 -5.05 6.86
N SER B 68 18.90 -4.48 7.99
CA SER B 68 18.61 -5.09 9.29
C SER B 68 17.33 -4.49 9.84
N LYS B 69 16.32 -5.33 10.06
CA LYS B 69 15.05 -4.88 10.60
C LYS B 69 15.17 -4.31 12.02
N LYS B 70 15.93 -4.99 12.87
CA LYS B 70 16.12 -4.53 14.23
C LYS B 70 16.85 -3.19 14.27
N LYS B 71 17.82 -3.03 13.36
CA LYS B 71 18.55 -1.79 13.27
C LYS B 71 17.62 -0.66 12.88
N LEU B 72 16.76 -0.90 11.90
CA LEU B 72 15.84 0.14 11.45
C LEU B 72 14.91 0.54 12.60
N ILE B 73 14.43 -0.45 13.34
CA ILE B 73 13.54 -0.20 14.46
C ILE B 73 14.23 0.51 15.61
N ARG B 74 15.43 0.07 15.96
CA ARG B 74 16.15 0.69 17.06
C ARG B 74 16.52 2.13 16.75
N GLN B 75 16.99 2.36 15.53
CA GLN B 75 17.38 3.70 15.14
C GLN B 75 16.20 4.64 14.96
N ALA B 76 15.06 4.10 14.56
CA ALA B 76 13.83 4.90 14.45
C ALA B 76 13.43 5.34 15.84
N GLY B 77 13.69 4.49 16.82
CA GLY B 77 13.50 4.83 18.23
C GLY B 77 12.05 5.07 18.61
N GLY B 78 11.82 6.14 19.35
CA GLY B 78 10.47 6.47 19.84
C GLY B 78 9.68 7.29 18.83
N CYS B 79 10.25 7.49 17.65
CA CYS B 79 9.67 8.34 16.62
C CYS B 79 8.22 8.02 16.43
N ILE B 80 7.40 9.09 16.43
CA ILE B 80 5.99 8.96 16.09
C ILE B 80 5.89 9.43 14.63
N GLN B 81 5.46 8.52 13.76
CA GLN B 81 5.47 8.75 12.33
C GLN B 81 4.25 8.08 11.70
N PRO B 82 3.89 8.67 10.35
CA PRO B 82 2.70 8.04 9.78
C PRO B 82 2.88 6.54 9.53
N ARG B 83 4.06 6.15 9.07
CA ARG B 83 4.35 4.76 8.71
C ARG B 83 5.59 4.27 9.44
N GLY B 84 5.63 2.97 9.75
CA GLY B 84 6.80 2.38 10.39
C GLY B 84 8.03 2.25 9.49
N PRO B 85 9.23 2.07 10.10
CA PRO B 85 10.42 1.90 9.27
C PRO B 85 10.35 0.73 8.28
N ILE B 86 9.80 -0.39 8.72
CA ILE B 86 9.70 -1.57 7.88
C ILE B 86 8.67 -1.33 6.80
N GLU B 87 7.61 -0.62 7.16
CA GLU B 87 6.57 -0.27 6.22
C GLU B 87 7.11 0.60 5.09
N GLN B 88 8.00 1.53 5.40
CA GLN B 88 8.55 2.38 4.33
C GLN B 88 9.47 1.60 3.40
N VAL B 89 10.12 0.56 3.92
CA VAL B 89 10.89 -0.33 3.08
C VAL B 89 9.97 -1.03 2.08
N TYR B 90 8.80 -1.47 2.54
CA TYR B 90 7.86 -2.13 1.65
C TYR B 90 7.31 -1.19 0.59
N GLN B 91 7.14 0.08 0.95
CA GLN B 91 6.73 1.10 -0.03
C GLN B 91 7.79 1.28 -1.13
N GLU B 92 9.05 1.27 -0.73
CA GLU B 92 10.16 1.38 -1.67
C GLU B 92 10.17 0.17 -2.64
N ILE B 93 10.01 -1.03 -2.08
CA ILE B 93 9.89 -2.24 -2.87
C ILE B 93 8.78 -2.14 -3.91
N ALA B 94 7.60 -1.70 -3.47
CA ALA B 94 6.45 -1.49 -4.38
C ALA B 94 6.74 -0.50 -5.50
N ILE B 95 7.41 0.60 -5.16
CA ILE B 95 7.84 1.59 -6.18
C ILE B 95 8.78 0.91 -7.19
N LEU B 96 9.82 0.26 -6.69
CA LEU B 96 10.79 -0.43 -7.54
C LEU B 96 10.18 -1.50 -8.46
N LYS B 97 9.18 -2.21 -7.97
CA LYS B 97 8.49 -3.22 -8.79
C LYS B 97 7.66 -2.65 -9.93
N LYS B 98 7.29 -1.39 -9.88
CA LYS B 98 6.63 -0.73 -11.01
C LYS B 98 7.58 -0.46 -12.18
N LEU B 99 8.87 -0.30 -11.91
CA LEU B 99 9.80 0.32 -12.87
C LEU B 99 10.49 -0.70 -13.79
N ASP B 100 10.36 -0.46 -15.09
CA ASP B 100 11.01 -1.25 -16.11
C ASP B 100 11.51 -0.37 -17.26
N HIS B 101 12.70 0.17 -17.09
CA HIS B 101 13.29 1.10 -18.05
C HIS B 101 14.80 0.88 -18.12
N PRO B 102 15.40 1.14 -19.30
CA PRO B 102 16.85 0.90 -19.40
C PRO B 102 17.73 1.83 -18.57
N ASN B 103 17.23 3.01 -18.20
CA ASN B 103 17.97 3.99 -17.40
C ASN B 103 17.55 4.05 -15.93
N VAL B 104 16.94 2.97 -15.44
CA VAL B 104 16.56 2.82 -14.04
C VAL B 104 16.98 1.41 -13.59
N VAL B 105 17.46 1.29 -12.35
CA VAL B 105 17.82 -0.01 -11.81
C VAL B 105 16.64 -0.95 -11.78
N LYS B 106 16.94 -2.24 -11.75
CA LYS B 106 15.96 -3.30 -11.83
C LYS B 106 16.00 -4.20 -10.61
N LEU B 107 14.93 -4.15 -9.82
CA LEU B 107 14.75 -5.04 -8.70
C LEU B 107 14.30 -6.40 -9.24
N VAL B 108 15.02 -7.46 -8.89
CA VAL B 108 14.74 -8.80 -9.39
C VAL B 108 13.92 -9.61 -8.39
N GLU B 109 14.21 -9.47 -7.11
CA GLU B 109 13.64 -10.34 -6.12
C GLU B 109 13.86 -9.75 -4.72
N VAL B 110 13.01 -10.16 -3.79
CA VAL B 110 13.14 -9.80 -2.39
C VAL B 110 13.19 -11.07 -1.57
N LEU B 111 14.18 -11.18 -0.69
CA LEU B 111 14.28 -12.33 0.22
C LEU B 111 13.94 -11.84 1.61
N ASP B 112 12.76 -12.24 2.08
CA ASP B 112 12.24 -11.81 3.39
C ASP B 112 11.71 -13.04 4.14
N ASP B 113 12.27 -13.32 5.29
CA ASP B 113 11.76 -14.35 6.15
C ASP B 113 11.25 -13.70 7.44
N PRO B 114 9.98 -13.95 7.83
CA PRO B 114 9.51 -13.29 9.06
C PRO B 114 10.34 -13.62 10.29
N ASN B 115 10.97 -14.79 10.33
CA ASN B 115 11.79 -15.19 11.48
C ASN B 115 13.27 -14.73 11.38
N GLU B 116 13.70 -14.09 10.30
CA GLU B 116 15.08 -13.59 10.19
C GLU B 116 15.10 -12.06 10.21
N ASP B 117 16.17 -11.51 10.78
CA ASP B 117 16.34 -10.09 10.96
C ASP B 117 16.61 -9.35 9.65
N HIS B 118 17.36 -9.98 8.77
CA HIS B 118 17.81 -9.32 7.54
C HIS B 118 16.84 -9.51 6.40
N LEU B 119 16.72 -8.46 5.60
CA LEU B 119 15.89 -8.42 4.42
C LEU B 119 16.82 -8.13 3.23
N TYR B 120 16.70 -8.88 2.14
CA TYR B 120 17.59 -8.74 1.00
C TYR B 120 16.82 -8.33 -0.23
N MET B 121 17.20 -7.20 -0.82
CA MET B 121 16.64 -6.76 -2.07
C MET B 121 17.70 -7.00 -3.14
N VAL B 122 17.37 -7.85 -4.09
CA VAL B 122 18.30 -8.26 -5.12
C VAL B 122 18.05 -7.49 -6.39
N PHE B 123 19.08 -6.79 -6.86
CA PHE B 123 19.01 -6.00 -8.07
C PHE B 123 19.97 -6.56 -9.12
N GLU B 124 19.66 -6.30 -10.38
CA GLU B 124 20.62 -6.48 -11.47
C GLU B 124 21.81 -5.58 -11.24
N LEU B 125 23.00 -6.10 -11.51
CA LEU B 125 24.26 -5.38 -11.33
C LEU B 125 24.49 -4.39 -12.47
N VAL B 126 24.98 -3.21 -12.13
CA VAL B 126 25.35 -2.21 -13.14
C VAL B 126 26.85 -2.21 -12.96
N ASN B 127 27.59 -2.74 -13.93
CA ASN B 127 28.99 -3.15 -13.71
C ASN B 127 30.01 -2.04 -13.35
N GLN B 128 29.93 -0.86 -13.94
CA GLN B 128 30.98 0.11 -13.73
C GLN B 128 30.86 0.94 -12.45
N GLY B 129 29.74 0.88 -11.73
CA GLY B 129 29.57 1.66 -10.49
C GLY B 129 29.17 3.12 -10.69
N PRO B 130 29.25 3.93 -9.60
CA PRO B 130 28.86 5.33 -9.72
C PRO B 130 29.67 6.08 -10.75
N VAL B 131 29.01 6.96 -11.47
CA VAL B 131 29.65 7.76 -12.49
C VAL B 131 30.71 8.72 -11.91
N MET B 132 30.48 9.26 -10.72
CA MET B 132 31.38 10.22 -10.10
C MET B 132 31.14 10.28 -8.58
N GLU B 133 32.19 10.54 -7.81
CA GLU B 133 32.04 10.94 -6.39
C GLU B 133 32.60 12.34 -6.21
N VAL B 134 31.79 13.21 -5.62
CA VAL B 134 32.10 14.63 -5.47
C VAL B 134 32.71 14.90 -4.09
N PRO B 135 33.70 15.78 -4.00
CA PRO B 135 34.31 16.48 -5.13
C PRO B 135 35.41 15.67 -5.81
N THR B 136 35.75 16.05 -7.04
CA THR B 136 36.81 15.36 -7.79
C THR B 136 37.58 16.36 -8.62
N LEU B 137 38.87 16.08 -8.79
CA LEU B 137 39.73 16.91 -9.60
C LEU B 137 39.67 16.50 -11.06
N LYS B 138 39.00 15.39 -11.37
CA LYS B 138 38.87 14.93 -12.74
C LYS B 138 37.40 14.90 -13.15
N PRO B 139 36.82 16.08 -13.49
CA PRO B 139 35.42 16.04 -13.93
C PRO B 139 35.30 15.49 -15.32
N LEU B 140 34.06 15.30 -15.74
CA LEU B 140 33.76 14.78 -17.06
C LEU B 140 33.94 15.87 -18.10
N SER B 141 34.26 15.45 -19.33
CA SER B 141 34.22 16.35 -20.46
C SER B 141 32.77 16.76 -20.73
N GLU B 142 32.60 17.84 -21.49
CA GLU B 142 31.27 18.31 -21.85
C GLU B 142 30.52 17.28 -22.69
N ASP B 143 31.21 16.60 -23.60
CA ASP B 143 30.57 15.56 -24.42
C ASP B 143 30.18 14.33 -23.59
N GLN B 144 31.04 13.92 -22.66
CA GLN B 144 30.69 12.79 -21.78
C GLN B 144 29.50 13.17 -20.86
N ALA B 145 29.49 14.41 -20.36
CA ALA B 145 28.37 14.92 -19.54
C ALA B 145 27.04 14.93 -20.28
N ARG B 146 27.07 15.33 -21.55
CA ARG B 146 25.86 15.34 -22.37
C ARG B 146 25.31 13.94 -22.60
N PHE B 147 26.21 13.01 -22.87
CA PHE B 147 25.87 11.60 -23.02
C PHE B 147 25.13 11.05 -21.80
N TYR B 148 25.70 11.26 -20.62
CA TYR B 148 25.08 10.80 -19.37
C TYR B 148 23.82 11.59 -18.99
N PHE B 149 23.82 12.89 -19.29
CA PHE B 149 22.69 13.75 -18.98
C PHE B 149 21.46 13.37 -19.79
N GLN B 150 21.67 12.93 -21.03
CA GLN B 150 20.57 12.43 -21.85
C GLN B 150 19.91 11.20 -21.25
N ASP B 151 20.72 10.28 -20.76
CA ASP B 151 20.22 9.11 -20.03
C ASP B 151 19.42 9.53 -18.79
N LEU B 152 19.93 10.50 -18.06
CA LEU B 152 19.28 10.97 -16.85
C LEU B 152 17.90 11.53 -17.15
N ILE B 153 17.82 12.35 -18.20
CA ILE B 153 16.54 12.94 -18.64
C ILE B 153 15.53 11.84 -18.96
N LYS B 154 15.95 10.84 -19.72
CA LYS B 154 15.07 9.74 -20.11
C LYS B 154 14.61 8.92 -18.92
N GLY B 155 15.50 8.68 -17.97
CA GLY B 155 15.16 7.93 -16.77
C GLY B 155 14.19 8.68 -15.88
N ILE B 156 14.42 9.98 -15.72
CA ILE B 156 13.54 10.81 -14.89
C ILE B 156 12.19 11.10 -15.52
N GLU B 157 12.16 11.32 -16.84
CA GLU B 157 10.89 11.40 -17.56
C GLU B 157 10.07 10.14 -17.34
N TYR B 158 10.71 8.98 -17.40
CA TYR B 158 10.05 7.72 -17.10
C TYR B 158 9.53 7.65 -15.67
N LEU B 159 10.34 8.03 -14.70
CA LEU B 159 9.91 8.02 -13.29
C LEU B 159 8.71 8.93 -13.09
N HIS B 160 8.77 10.14 -13.64
CA HIS B 160 7.66 11.09 -13.53
C HIS B 160 6.40 10.59 -14.25
N TYR B 161 6.58 9.92 -15.39
CA TYR B 161 5.50 9.28 -16.11
C TYR B 161 4.82 8.20 -15.28
N GLN B 162 5.63 7.46 -14.51
CA GLN B 162 5.15 6.42 -13.61
C GLN B 162 4.70 6.96 -12.26
N LYS B 163 4.68 8.27 -12.12
CA LYS B 163 4.23 8.96 -10.92
C LYS B 163 5.17 8.76 -9.73
N ILE B 164 6.46 8.80 -10.00
CA ILE B 164 7.48 8.65 -8.94
C ILE B 164 8.41 9.85 -8.93
N ILE B 165 8.65 10.42 -7.75
CA ILE B 165 9.64 11.47 -7.58
C ILE B 165 10.81 10.82 -6.87
N HIS B 166 12.01 10.91 -7.45
CA HIS B 166 13.18 10.21 -6.90
C HIS B 166 13.63 10.81 -5.59
N ARG B 167 13.81 12.13 -5.58
CA ARG B 167 14.19 12.89 -4.37
C ARG B 167 15.64 12.73 -3.89
N ASP B 168 16.47 11.99 -4.59
CA ASP B 168 17.89 11.87 -4.21
C ASP B 168 18.79 11.71 -5.44
N ILE B 169 18.54 12.55 -6.44
CA ILE B 169 19.33 12.55 -7.65
C ILE B 169 20.65 13.23 -7.35
N LYS B 170 21.72 12.49 -7.61
CA LYS B 170 23.09 12.96 -7.45
C LYS B 170 24.05 12.01 -8.18
N PRO B 171 25.28 12.48 -8.47
CA PRO B 171 26.13 11.64 -9.31
C PRO B 171 26.47 10.27 -8.75
N SER B 172 26.62 10.17 -7.43
CA SER B 172 26.96 8.89 -6.80
C SER B 172 25.80 7.88 -6.82
N ASN B 173 24.58 8.33 -7.10
CA ASN B 173 23.44 7.42 -7.32
C ASN B 173 23.18 7.08 -8.79
N LEU B 174 24.05 7.51 -9.70
CA LEU B 174 23.90 7.20 -11.12
C LEU B 174 24.96 6.19 -11.50
N LEU B 175 24.52 4.97 -11.80
CA LEU B 175 25.45 3.85 -11.99
C LEU B 175 25.67 3.63 -13.49
N VAL B 176 26.93 3.40 -13.87
CA VAL B 176 27.31 3.20 -15.27
C VAL B 176 27.35 1.69 -15.55
N GLY B 177 26.63 1.26 -16.58
CA GLY B 177 26.59 -0.14 -16.97
C GLY B 177 27.82 -0.50 -17.82
N GLU B 178 27.98 -1.78 -18.09
CA GLU B 178 29.01 -2.24 -19.02
C GLU B 178 28.87 -1.63 -20.42
N ASP B 179 27.63 -1.36 -20.85
CA ASP B 179 27.35 -0.70 -22.14
C ASP B 179 27.53 0.84 -22.13
N GLY B 180 27.97 1.40 -21.01
CA GLY B 180 28.30 2.82 -20.93
C GLY B 180 27.15 3.74 -20.53
N HIS B 181 25.95 3.22 -20.39
CA HIS B 181 24.77 4.02 -20.10
C HIS B 181 24.49 4.06 -18.61
N ILE B 182 23.75 5.10 -18.22
CA ILE B 182 23.42 5.38 -16.83
C ILE B 182 22.15 4.66 -16.42
N LYS B 183 22.13 4.14 -15.19
CA LYS B 183 20.92 3.69 -14.52
C LYS B 183 20.75 4.42 -13.18
N ILE B 184 19.57 4.95 -12.94
CA ILE B 184 19.26 5.66 -11.69
C ILE B 184 19.04 4.65 -10.57
N ALA B 185 19.72 4.86 -9.44
CA ALA B 185 19.60 4.02 -8.25
C ALA B 185 19.26 4.80 -6.99
N ASP B 186 19.02 4.04 -5.92
CA ASP B 186 18.68 4.51 -4.57
C ASP B 186 17.31 5.17 -4.50
N PHE B 187 16.28 4.36 -4.29
CA PHE B 187 14.90 4.82 -4.16
C PHE B 187 14.45 4.87 -2.68
N GLY B 188 15.41 4.93 -1.76
CA GLY B 188 15.15 4.96 -0.31
C GLY B 188 14.27 6.08 0.20
N VAL B 189 14.35 7.25 -0.40
CA VAL B 189 13.55 8.41 0.01
C VAL B 189 12.56 8.81 -1.08
N SER B 190 12.37 7.96 -2.07
CA SER B 190 11.48 8.33 -3.18
C SER B 190 10.01 8.16 -2.80
N ASN B 191 9.14 8.82 -3.54
CA ASN B 191 7.70 8.69 -3.27
C ASN B 191 6.81 8.69 -4.48
N GLU B 192 5.65 8.12 -4.27
CA GLU B 192 4.64 7.96 -5.27
C GLU B 192 3.62 9.09 -5.12
N PHE B 193 3.10 9.61 -6.23
CA PHE B 193 2.04 10.62 -6.22
C PHE B 193 0.89 10.26 -7.15
N LYS B 194 -0.21 10.97 -6.95
CA LYS B 194 -1.40 10.83 -7.79
C LYS B 194 -1.56 12.12 -8.62
N GLY B 195 -1.97 11.98 -9.87
CA GLY B 195 -2.26 13.16 -10.69
C GLY B 195 -1.11 13.77 -11.48
N SER B 196 -1.18 15.08 -11.71
CA SER B 196 -0.21 15.75 -12.56
C SER B 196 1.15 15.90 -11.88
N ASP B 197 1.15 16.10 -10.56
CA ASP B 197 2.38 16.35 -9.83
C ASP B 197 2.26 15.93 -8.39
N ALA B 198 3.39 15.85 -7.69
CA ALA B 198 3.41 15.56 -6.27
C ALA B 198 3.43 16.86 -5.47
N LEU B 199 2.65 16.88 -4.39
CA LEU B 199 2.62 18.00 -3.48
C LEU B 199 3.27 17.53 -2.21
N LEU B 200 4.43 18.06 -1.86
CA LEU B 200 5.21 17.55 -0.74
C LEU B 200 5.53 18.61 0.30
N SEP B 201 5.66 18.19 1.55
CA SEP B 201 5.95 19.11 2.64
CB SEP B 201 4.72 19.12 3.52
OG SEP B 201 4.68 17.84 4.14
C SEP B 201 7.13 18.73 3.49
O SEP B 201 7.41 19.41 4.46
P SEP B 201 3.26 17.21 4.54
O1P SEP B 201 3.66 15.95 5.27
O2P SEP B 201 2.73 18.31 5.44
O3P SEP B 201 2.44 17.04 3.27
N ASN B 202 7.83 17.67 3.14
CA ASN B 202 8.93 17.17 3.98
C ASN B 202 10.25 17.26 3.21
N THR B 203 11.34 17.28 3.98
CA THR B 203 12.68 17.48 3.45
C THR B 203 13.50 16.21 3.59
N VAL B 204 13.85 15.61 2.46
CA VAL B 204 14.63 14.38 2.42
C VAL B 204 15.70 14.41 1.34
N GLY B 205 16.65 13.48 1.48
CA GLY B 205 17.73 13.30 0.51
C GLY B 205 19.04 13.88 1.00
N THR B 206 19.92 14.17 0.04
CA THR B 206 21.24 14.66 0.33
C THR B 206 21.20 16.20 0.36
N PRO B 207 21.68 16.81 1.46
CA PRO B 207 21.57 18.27 1.62
C PRO B 207 22.08 19.14 0.46
N ALA B 208 23.23 18.80 -0.13
CA ALA B 208 23.79 19.62 -1.21
C ALA B 208 22.95 19.64 -2.47
N PHE B 209 22.03 18.68 -2.60
CA PHE B 209 21.15 18.56 -3.78
C PHE B 209 19.68 18.94 -3.52
N MET B 210 19.38 19.42 -2.32
CA MET B 210 18.01 19.83 -1.95
C MET B 210 17.65 21.20 -2.52
N ALA B 211 16.44 21.31 -3.05
CA ALA B 211 15.98 22.58 -3.65
C ALA B 211 15.65 23.62 -2.57
N PRO B 212 15.77 24.92 -2.89
CA PRO B 212 15.51 25.99 -1.91
C PRO B 212 14.10 25.94 -1.29
N GLU B 213 13.08 25.69 -2.12
CA GLU B 213 11.67 25.51 -1.65
C GLU B 213 11.54 24.54 -0.49
N SER B 214 12.20 23.38 -0.59
CA SER B 214 12.05 22.34 0.43
C SER B 214 12.65 22.81 1.73
N LEU B 215 13.74 23.58 1.65
CA LEU B 215 14.41 24.11 2.84
C LEU B 215 13.75 25.35 3.44
N SER B 216 12.96 26.07 2.65
CA SER B 216 12.34 27.32 3.10
C SER B 216 11.14 27.08 4.02
N GLU B 217 11.09 27.76 5.17
CA GLU B 217 9.92 27.73 6.04
C GLU B 217 8.68 28.39 5.42
N THR B 218 8.89 29.40 4.58
CA THR B 218 7.77 30.07 3.91
C THR B 218 7.01 29.15 2.95
N ARG B 219 7.71 28.25 2.25
CA ARG B 219 7.05 27.31 1.36
C ARG B 219 6.72 26.00 2.06
N LYS B 220 5.50 25.91 2.58
CA LYS B 220 5.09 24.73 3.36
C LYS B 220 4.84 23.51 2.47
N ILE B 221 4.35 23.73 1.25
CA ILE B 221 4.16 22.68 0.26
C ILE B 221 4.92 23.07 -1.01
N PHE B 222 5.31 22.07 -1.80
CA PHE B 222 6.12 22.30 -3.01
C PHE B 222 6.01 21.17 -4.04
N SER B 223 6.14 21.52 -5.32
CA SER B 223 6.09 20.59 -6.45
C SER B 223 7.22 19.58 -6.40
N GLY B 224 6.88 18.30 -6.54
CA GLY B 224 7.85 17.21 -6.54
C GLY B 224 8.76 17.16 -7.76
N LYS B 225 8.20 17.41 -8.93
CA LYS B 225 8.99 17.39 -10.17
C LYS B 225 10.08 18.43 -10.19
N ALA B 226 9.77 19.60 -9.67
CA ALA B 226 10.72 20.69 -9.65
C ALA B 226 11.92 20.38 -8.73
N LEU B 227 11.71 19.57 -7.68
CA LEU B 227 12.81 19.14 -6.79
C LEU B 227 13.82 18.27 -7.53
N ASP B 228 13.29 17.33 -8.31
CA ASP B 228 14.13 16.46 -9.15
C ASP B 228 14.91 17.24 -10.22
N VAL B 229 14.31 18.29 -10.77
CA VAL B 229 14.96 19.13 -11.77
C VAL B 229 16.08 19.92 -11.13
N TRP B 230 15.84 20.49 -9.97
CA TRP B 230 16.88 21.21 -9.24
C TRP B 230 18.09 20.31 -8.99
N ALA B 231 17.83 19.10 -8.51
CA ALA B 231 18.86 18.10 -8.23
C ALA B 231 19.57 17.63 -9.50
N MET B 232 18.83 17.46 -10.59
CA MET B 232 19.44 17.25 -11.90
C MET B 232 20.40 18.40 -12.28
N GLY B 233 20.02 19.62 -11.93
CA GLY B 233 20.86 20.80 -12.19
C GLY B 233 22.16 20.80 -11.41
N VAL B 234 22.04 20.51 -10.12
CA VAL B 234 23.22 20.39 -9.25
C VAL B 234 24.11 19.26 -9.79
N THR B 235 23.49 18.17 -10.21
CA THR B 235 24.19 17.00 -10.74
C THR B 235 24.99 17.35 -12.01
N LEU B 236 24.40 18.10 -12.92
CA LEU B 236 25.06 18.49 -14.16
C LEU B 236 26.25 19.43 -13.90
N TYR B 237 26.05 20.38 -12.98
CA TYR B 237 27.11 21.27 -12.54
C TYR B 237 28.28 20.43 -11.98
N CYS B 238 27.96 19.42 -11.17
CA CYS B 238 28.95 18.50 -10.64
C CYS B 238 29.68 17.73 -11.74
N PHE B 239 28.93 17.24 -12.73
CA PHE B 239 29.50 16.52 -13.86
C PHE B 239 30.66 17.29 -14.51
N VAL B 240 30.46 18.58 -14.78
CA VAL B 240 31.43 19.37 -15.56
C VAL B 240 32.46 20.09 -14.72
N PHE B 241 32.12 20.42 -13.47
CA PHE B 241 33.06 21.11 -12.59
C PHE B 241 33.69 20.25 -11.51
N GLY B 242 33.16 19.06 -11.26
CA GLY B 242 33.69 18.21 -10.19
C GLY B 242 33.47 18.73 -8.77
N GLN B 243 32.56 19.67 -8.60
CA GLN B 243 32.30 20.29 -7.31
C GLN B 243 30.86 20.78 -7.26
N CYS B 244 30.34 20.95 -6.04
CA CYS B 244 28.96 21.39 -5.86
C CYS B 244 28.85 22.90 -6.02
N PRO B 245 27.71 23.38 -6.53
CA PRO B 245 27.48 24.84 -6.60
C PRO B 245 27.41 25.49 -5.22
N PHE B 246 26.80 24.79 -4.27
CA PHE B 246 26.67 25.30 -2.91
C PHE B 246 27.24 24.28 -1.93
N MET B 247 28.11 24.74 -1.04
CA MET B 247 28.73 23.84 -0.06
C MET B 247 29.18 24.57 1.19
N ASP B 248 28.99 23.90 2.32
CA ASP B 248 29.58 24.34 3.56
C ASP B 248 29.78 23.11 4.45
N GLU B 249 30.70 23.21 5.41
CA GLU B 249 30.95 22.14 6.37
C GLU B 249 29.78 21.98 7.35
N ARG B 250 29.17 23.10 7.75
CA ARG B 250 28.02 23.12 8.66
C ARG B 250 26.74 23.07 7.83
N ILE B 251 25.90 22.07 8.07
CA ILE B 251 24.69 21.82 7.25
C ILE B 251 23.68 22.96 7.30
N MET B 252 23.62 23.65 8.43
CA MET B 252 22.75 24.81 8.56
C MET B 252 23.18 25.98 7.69
N CYS B 253 24.49 26.15 7.52
CA CYS B 253 25.01 27.13 6.56
C CYS B 253 24.75 26.74 5.13
N LEU B 254 24.88 25.45 4.83
CA LEU B 254 24.64 24.94 3.49
C LEU B 254 23.21 25.26 3.09
N HIS B 255 22.25 25.01 3.99
CA HIS B 255 20.85 25.32 3.73
C HIS B 255 20.65 26.80 3.40
N SEP B 256 21.30 27.68 4.18
CA SEP B 256 21.26 29.11 3.92
CB SEP B 256 22.04 29.93 4.95
OG SEP B 256 21.24 30.16 6.08
C SEP B 256 21.83 29.50 2.57
O SEP B 256 21.28 30.38 1.89
P SEP B 256 20.27 31.46 6.25
O1P SEP B 256 18.99 31.18 5.49
O2P SEP B 256 21.02 32.65 5.71
O3P SEP B 256 20.06 31.31 7.74
N LYS B 257 22.93 28.87 2.19
CA LYS B 257 23.55 29.19 0.90
C LYS B 257 22.68 28.74 -0.26
N ILE B 258 22.05 27.58 -0.13
CA ILE B 258 21.16 27.07 -1.18
C ILE B 258 20.03 28.08 -1.40
N LYS B 259 19.49 28.61 -0.30
CA LYS B 259 18.35 29.53 -0.37
C LYS B 259 18.74 30.92 -0.85
N SER B 260 19.92 31.39 -0.45
CA SER B 260 20.24 32.81 -0.56
C SER B 260 21.52 33.20 -1.34
N GLN B 261 22.41 32.24 -1.61
CA GLN B 261 23.66 32.51 -2.32
C GLN B 261 23.44 32.43 -3.83
N ALA B 262 23.90 33.44 -4.56
CA ALA B 262 23.79 33.43 -6.03
C ALA B 262 24.60 32.29 -6.65
N LEU B 263 24.05 31.66 -7.68
CA LEU B 263 24.79 30.68 -8.44
C LEU B 263 26.02 31.33 -9.05
N GLU B 264 27.18 30.72 -8.83
CA GLU B 264 28.43 31.19 -9.40
C GLU B 264 29.16 30.00 -10.00
N PHE B 265 29.68 30.19 -11.21
CA PHE B 265 30.41 29.14 -11.94
C PHE B 265 31.91 29.28 -11.72
N PRO B 266 32.65 28.15 -11.63
CA PRO B 266 34.09 28.30 -11.56
C PRO B 266 34.69 28.80 -12.88
N ASP B 267 35.88 29.39 -12.81
CA ASP B 267 36.62 29.82 -14.01
C ASP B 267 37.04 28.66 -14.90
N GLN B 268 37.46 27.55 -14.28
CA GLN B 268 37.91 26.38 -15.03
C GLN B 268 37.15 25.13 -14.59
N PRO B 269 36.75 24.25 -15.52
CA PRO B 269 36.93 24.44 -16.96
C PRO B 269 36.01 25.52 -17.50
N ASP B 270 36.41 26.09 -18.63
CA ASP B 270 35.58 27.09 -19.30
C ASP B 270 34.57 26.30 -20.09
N ILE B 271 33.30 26.48 -19.77
CA ILE B 271 32.23 25.70 -20.42
C ILE B 271 31.47 26.56 -21.38
N ALA B 272 30.76 25.92 -22.29
CA ALA B 272 29.93 26.65 -23.27
C ALA B 272 28.82 27.45 -22.61
N GLU B 273 28.54 28.62 -23.17
CA GLU B 273 27.46 29.51 -22.73
C GLU B 273 26.12 28.79 -22.81
N ASP B 274 26.07 27.94 -23.82
CA ASP B 274 25.02 26.97 -24.05
C ASP B 274 24.66 26.16 -22.78
N LEU B 275 25.68 25.52 -22.24
CA LEU B 275 25.55 24.68 -21.05
C LEU B 275 25.29 25.54 -19.83
N LYS B 276 25.93 26.69 -19.78
CA LYS B 276 25.80 27.61 -18.66
C LYS B 276 24.34 28.04 -18.51
N ASP B 277 23.69 28.30 -19.64
CA ASP B 277 22.30 28.72 -19.64
C ASP B 277 21.37 27.64 -19.10
N LEU B 278 21.57 26.41 -19.54
CA LEU B 278 20.77 25.27 -19.07
C LEU B 278 20.88 25.07 -17.55
N ILE B 279 22.11 25.11 -17.03
CA ILE B 279 22.35 24.95 -15.59
C ILE B 279 21.71 26.07 -14.80
N THR B 280 21.83 27.30 -15.29
CA THR B 280 21.22 28.46 -14.64
C THR B 280 19.70 28.34 -14.51
N ARG B 281 19.06 27.80 -15.55
CA ARG B 281 17.61 27.65 -15.56
C ARG B 281 17.16 26.49 -14.69
N MET B 282 17.96 25.45 -14.59
CA MET B 282 17.68 24.31 -13.70
C MET B 282 17.90 24.69 -12.24
N LEU B 283 18.85 25.59 -12.00
CA LEU B 283 19.13 26.10 -10.64
C LEU B 283 18.53 27.47 -10.37
N ASP B 284 17.44 27.78 -11.07
CA ASP B 284 16.56 28.89 -10.72
C ASP B 284 15.97 28.58 -9.35
N LYS B 285 16.15 29.51 -8.40
CA LYS B 285 15.67 29.29 -7.04
C LYS B 285 14.15 29.37 -6.91
N ASN B 286 13.49 29.99 -7.88
CA ASN B 286 12.04 29.99 -7.93
C ASN B 286 11.56 28.75 -8.71
N PRO B 287 10.84 27.84 -8.02
CA PRO B 287 10.34 26.61 -8.68
C PRO B 287 9.27 26.85 -9.75
N GLU B 288 8.60 27.99 -9.69
CA GLU B 288 7.56 28.32 -10.69
C GLU B 288 8.14 28.71 -12.03
N SER B 289 9.27 29.42 -12.05
CA SER B 289 9.95 29.80 -13.29
C SER B 289 11.05 28.83 -13.71
N ARG B 290 11.35 27.85 -12.86
CA ARG B 290 12.38 26.86 -13.17
C ARG B 290 11.98 26.04 -14.37
N ILE B 291 12.97 25.73 -15.20
CA ILE B 291 12.77 24.91 -16.39
C ILE B 291 12.21 23.53 -16.00
N VAL B 292 11.31 23.02 -16.84
CA VAL B 292 10.67 21.72 -16.66
C VAL B 292 11.30 20.71 -17.60
N VAL B 293 11.04 19.44 -17.36
CA VAL B 293 11.70 18.39 -18.12
C VAL B 293 11.40 18.47 -19.64
N PRO B 294 10.12 18.68 -20.04
CA PRO B 294 9.84 18.85 -21.47
C PRO B 294 10.62 20.00 -22.16
N GLU B 295 10.95 21.06 -21.42
CA GLU B 295 11.80 22.14 -21.95
C GLU B 295 13.26 21.72 -22.00
N ILE B 296 13.73 21.01 -20.97
CA ILE B 296 15.13 20.51 -20.90
C ILE B 296 15.44 19.61 -22.09
N LYS B 297 14.50 18.74 -22.44
CA LYS B 297 14.64 17.83 -23.60
C LYS B 297 14.96 18.54 -24.92
N LEU B 298 14.45 19.75 -25.07
CA LEU B 298 14.58 20.52 -26.30
C LEU B 298 15.64 21.61 -26.20
N HIS B 299 16.40 21.64 -25.11
CA HIS B 299 17.42 22.66 -24.92
C HIS B 299 18.56 22.41 -25.91
N PRO B 300 19.07 23.47 -26.56
CA PRO B 300 20.14 23.32 -27.57
C PRO B 300 21.38 22.56 -27.11
N TRP B 301 21.78 22.72 -25.85
CA TRP B 301 22.93 21.98 -25.32
C TRP B 301 22.66 20.47 -25.25
N VAL B 302 21.48 20.10 -24.77
CA VAL B 302 21.09 18.69 -24.65
C VAL B 302 21.04 18.00 -26.01
N THR B 303 20.51 18.71 -27.00
CA THR B 303 20.26 18.17 -28.34
C THR B 303 21.43 18.39 -29.32
N ARG B 304 22.49 19.09 -28.90
CA ARG B 304 23.55 19.51 -29.81
C ARG B 304 22.88 20.24 -30.99
N HIS B 305 22.03 21.21 -30.65
CA HIS B 305 21.31 22.06 -31.61
C HIS B 305 20.52 21.27 -32.65
N GLY B 306 19.82 20.23 -32.21
CA GLY B 306 18.95 19.46 -33.09
C GLY B 306 19.58 18.22 -33.69
N ALA B 307 20.90 18.07 -33.55
CA ALA B 307 21.63 16.89 -34.03
C ALA B 307 21.29 15.58 -33.29
N GLU B 308 21.06 15.67 -31.97
CA GLU B 308 20.81 14.49 -31.13
C GLU B 308 19.51 14.68 -30.33
N PRO B 309 18.35 14.65 -31.01
CA PRO B 309 17.08 14.86 -30.30
C PRO B 309 16.65 13.65 -29.49
N LEU B 310 15.98 13.91 -28.37
CA LEU B 310 15.52 12.85 -27.49
C LEU B 310 14.22 12.27 -28.03
N PRO B 311 13.90 11.01 -27.67
CA PRO B 311 12.60 10.47 -28.04
C PRO B 311 11.45 11.17 -27.32
N SER B 312 10.25 11.02 -27.86
CA SER B 312 9.05 11.58 -27.24
C SER B 312 8.77 10.88 -25.92
N GLU B 313 7.93 11.51 -25.10
CA GLU B 313 7.53 10.89 -23.85
C GLU B 313 6.94 9.50 -24.06
N ASP B 314 6.04 9.37 -25.01
CA ASP B 314 5.42 8.07 -25.30
C ASP B 314 6.41 7.02 -25.81
N GLU B 315 7.33 7.43 -26.66
CA GLU B 315 8.35 6.52 -27.19
C GLU B 315 9.26 6.02 -26.06
N ASN B 316 9.65 6.93 -25.18
CA ASN B 316 10.50 6.62 -24.04
C ASN B 316 9.78 5.85 -22.91
N CYS B 317 8.53 6.19 -22.61
CA CYS B 317 7.81 5.67 -21.45
C CYS B 317 6.82 4.51 -21.63
N TPO B 318 6.35 4.23 -22.85
CA TPO B 318 5.28 3.23 -23.06
CB TPO B 318 3.89 3.87 -22.83
CG2 TPO B 318 3.50 4.90 -23.89
OG1 TPO B 318 2.84 2.89 -22.84
P TPO B 318 1.99 2.75 -21.45
O1P TPO B 318 1.27 1.43 -21.50
O2P TPO B 318 0.93 3.83 -21.28
O3P TPO B 318 3.00 2.76 -20.32
C TPO B 318 5.39 2.66 -24.44
O TPO B 318 5.84 1.55 -24.63
C1 F6J C . -27.57 -14.80 3.36
N2 F6J C . -26.73 -11.99 -3.07
C5 F6J C . -27.37 -11.77 3.77
C6 F6J C . -27.16 -11.73 2.41
C7 F6J C . -27.72 -10.78 1.59
C9 F6J C . -28.72 -9.82 3.53
C10 F6J C . -28.17 -10.79 4.35
C11 F6J C . -28.49 -10.68 5.80
C12 F6J C . -27.48 -10.77 0.15
C13 F6J C . -27.41 -9.61 -0.59
C15 F6J C . -26.66 -13.32 -2.88
C16 F6J C . -26.87 -14.01 -1.70
C18 F6J C . -27.23 -11.86 -0.73
C19 F6J C . -26.75 -15.48 -1.60
C23 F6J C . -26.54 -17.49 -0.26
C24 F6J C . -26.66 -16.13 -0.37
C2 F6J C . -26.36 -14.14 3.96
C3 F6J C . -25.84 -15.07 5.03
C4 F6J C . -26.75 -12.84 4.62
C8 F6J C . -28.50 -9.81 2.18
O1 F6J C . -28.99 -11.68 6.39
O2 F6J C . -28.33 -9.55 6.33
N1 F6J C . -27.13 -9.94 -1.88
C14 F6J C . -27.01 -11.30 -1.97
C17 F6J C . -27.16 -13.22 -0.61
C20 F6J C . -26.69 -16.30 -2.71
C21 F6J C . -26.57 -17.67 -2.64
C22 F6J C . -26.49 -18.26 -1.40
C FMT D . -14.33 -25.97 12.16
O1 FMT D . -13.13 -26.06 12.08
O2 FMT D . -15.02 -27.10 12.25
C FMT E . -36.88 -12.15 11.61
O1 FMT E . -36.12 -13.01 12.05
O2 FMT E . -37.83 -12.48 10.75
C FMT F . -18.04 -19.92 8.05
O1 FMT F . -18.13 -18.78 7.63
O2 FMT F . -18.45 -20.91 7.27
C1 EDO G . -22.92 -8.69 -10.49
O1 EDO G . -23.92 -7.65 -10.84
C2 EDO G . -23.58 -9.86 -9.77
O2 EDO G . -22.66 -10.87 -9.40
C1 F6J H . 24.82 1.78 -3.20
N2 F6J H . 24.97 -2.17 -9.33
C5 F6J H . 22.01 1.44 -4.28
C6 F6J H . 22.50 0.77 -5.38
C7 F6J H . 21.97 -0.42 -5.82
C9 F6J H . 20.38 -0.28 -4.05
C10 F6J H . 20.92 0.90 -3.60
C11 F6J H . 20.28 1.49 -2.39
C12 F6J H . 22.52 -1.10 -6.98
C13 F6J H . 21.77 -1.77 -7.92
C15 F6J H . 26.10 -1.69 -8.80
C16 F6J H . 26.27 -0.99 -7.63
C18 F6J H . 23.89 -1.20 -7.38
C19 F6J H . 27.60 -0.50 -7.20
C23 F6J H . 30.00 -0.48 -7.36
C24 F6J H . 28.77 -0.94 -7.79
C2 F6J H . 24.15 2.86 -4.00
C3 F6J H . 24.56 4.16 -3.36
C4 F6J H . 22.66 2.73 -3.85
C8 F6J H . 20.88 -0.94 -5.14
O1 F6J H . 19.03 1.63 -2.38
O2 F6J H . 21.03 1.75 -1.42
N1 F6J H . 22.60 -2.26 -8.89
C14 F6J H . 23.89 -1.89 -8.59
C17 F6J H . 25.10 -0.73 -6.90
C20 F6J H . 27.73 0.42 -6.17
C21 F6J H . 28.95 0.88 -5.74
C22 F6J H . 30.11 0.43 -6.34
C FMT I . 24.47 3.79 10.53
O1 FMT I . 23.79 3.58 9.53
O2 FMT I . 24.16 3.11 11.61
C FMT J . 19.46 -0.68 7.80
O1 FMT J . 20.16 0.33 7.80
O2 FMT J . 20.02 -1.90 7.84
C FMT K . 27.79 12.67 -4.75
O1 FMT K . 26.97 12.62 -5.64
O2 FMT K . 29.05 12.38 -5.07
C1 EDO L . 29.01 16.44 -1.83
O1 EDO L . 29.83 16.13 -0.70
C2 EDO L . 27.59 15.91 -1.75
O2 EDO L . 27.18 15.48 -0.43
C1 EDO M . 24.09 -5.64 -17.25
O1 EDO M . 23.54 -6.21 -18.48
C2 EDO M . 25.06 -4.46 -17.55
O2 EDO M . 25.94 -3.99 -16.51
#